data_4REE
#
_entry.id   4REE
#
_cell.length_a   74.829
_cell.length_b   76.615
_cell.length_c   128.531
_cell.angle_alpha   90.00
_cell.angle_beta   90.00
_cell.angle_gamma   90.00
#
_symmetry.space_group_name_H-M   'P 21 21 21'
#
loop_
_entity.id
_entity.type
_entity.pdbx_description
1 polymer 'Nuclear receptor subfamily 4 group A member 1'
2 non-polymer GLYCEROL
3 non-polymer 1-(2,3,4-trihydroxyphenyl)nonan-1-one
4 water water
#
_entity_poly.entity_id   1
_entity_poly.type   'polypeptide(L)'
_entity_poly.pdbx_seq_one_letter_code
;SKPKQPPDASPANLLTSLVRAHLDSGPSTAKLDYSKFQELVLPHFGKEDAGDVQQFYDLLSGSLEVIRKWAEKIPGFAEL
SPADQDLLLESAFLELFILRLAYRSKPGEGKLIFCSGLVLHRLQCARGFGDWIDSILAFSRSLHSLLVDVPAFACLSALV
LITDRHGLQEPRRVEELQNRIASCLKEHVAAVAGEPQPASCLSRLLGKLPELRTLCTQGLQRIFYLKLEDLVPPPPIIDK
IFMDTLPFLEHHHHHH
;
_entity_poly.pdbx_strand_id   B,A
#
loop_
_chem_comp.id
_chem_comp.type
_chem_comp.name
_chem_comp.formula
3MZ non-polymer 1-(2,3,4-trihydroxyphenyl)nonan-1-one 'C15 H22 O4'
GOL non-polymer GLYCEROL 'C3 H8 O3'
#
# COMPACT_ATOMS: atom_id res chain seq x y z
N ALA A 12 -29.25 -20.98 20.95
CA ALA A 12 -29.59 -21.20 22.40
C ALA A 12 -28.43 -21.90 23.09
N ASN A 13 -28.34 -23.22 22.89
CA ASN A 13 -27.10 -23.88 23.27
C ASN A 13 -25.94 -23.54 22.30
N LEU A 14 -26.27 -23.29 21.04
CA LEU A 14 -25.25 -22.81 20.11
C LEU A 14 -24.80 -21.46 20.63
N LEU A 15 -25.78 -20.61 20.86
CA LEU A 15 -25.51 -19.28 21.34
C LEU A 15 -24.67 -19.28 22.62
N THR A 16 -24.99 -20.16 23.55
CA THR A 16 -24.27 -20.23 24.79
C THR A 16 -22.89 -20.73 24.48
N SER A 17 -22.76 -21.58 23.49
CA SER A 17 -21.45 -22.11 23.19
C SER A 17 -20.59 -21.04 22.54
N LEU A 18 -21.21 -20.26 21.68
CA LEU A 18 -20.47 -19.14 21.06
C LEU A 18 -20.04 -18.12 22.10
N VAL A 19 -20.88 -17.85 23.09
CA VAL A 19 -20.54 -16.81 24.08
C VAL A 19 -19.37 -17.24 24.95
N ARG A 20 -19.35 -18.51 25.32
CA ARG A 20 -18.30 -19.02 26.19
C ARG A 20 -16.98 -19.02 25.44
N ALA A 21 -17.02 -19.36 24.15
CA ALA A 21 -15.78 -19.36 23.37
C ALA A 21 -15.23 -17.94 23.27
N HIS A 22 -16.10 -16.99 22.98
CA HIS A 22 -15.67 -15.62 22.96
C HIS A 22 -15.06 -15.19 24.30
N LEU A 23 -15.76 -15.37 25.41
CA LEU A 23 -15.22 -14.87 26.68
C LEU A 23 -13.97 -15.55 27.16
N ASP A 24 -13.79 -16.83 26.85
CA ASP A 24 -12.54 -17.49 27.21
C ASP A 24 -11.37 -17.10 26.33
N SER A 25 -11.66 -16.40 25.23
CA SER A 25 -10.60 -16.02 24.28
C SER A 25 -9.95 -14.64 24.54
N GLY A 26 -10.35 -13.97 25.61
CA GLY A 26 -9.85 -12.59 25.85
C GLY A 26 -9.53 -12.40 27.30
N PRO A 27 -8.87 -11.27 27.66
CA PRO A 27 -8.49 -11.19 29.07
C PRO A 27 -9.61 -10.76 29.98
N SER A 28 -9.51 -11.20 31.21
CA SER A 28 -10.46 -10.77 32.23
C SER A 28 -10.15 -9.31 32.49
N THR A 29 -11.20 -8.54 32.73
CA THR A 29 -11.06 -7.16 33.11
C THR A 29 -10.12 -7.01 34.31
N ALA A 30 -9.87 -8.09 35.01
CA ALA A 30 -8.92 -8.06 36.09
C ALA A 30 -7.46 -8.40 35.64
N LYS A 31 -7.28 -8.96 34.47
CA LYS A 31 -5.94 -9.33 33.99
C LYS A 31 -5.33 -8.30 33.01
N LEU A 32 -5.96 -7.17 32.94
CA LEU A 32 -5.47 -6.09 32.17
C LEU A 32 -4.16 -5.64 32.78
N ASP A 33 -3.18 -5.38 31.90
CA ASP A 33 -1.87 -4.95 32.30
C ASP A 33 -1.61 -3.54 31.78
N TYR A 34 -1.60 -2.57 32.67
CA TYR A 34 -1.26 -1.21 32.32
C TYR A 34 0.22 -0.92 32.54
N SER A 35 1.01 -1.94 32.82
CA SER A 35 2.50 -1.81 33.09
C SER A 35 3.25 -0.89 32.10
N LYS A 36 2.78 -0.82 30.87
CA LYS A 36 3.57 -0.16 29.81
C LYS A 36 2.80 0.93 29.22
N PHE A 37 1.54 1.06 29.60
CA PHE A 37 0.69 2.11 29.07
C PHE A 37 1.26 3.48 29.37
N GLN A 38 1.37 4.30 28.35
CA GLN A 38 1.72 5.69 28.56
C GLN A 38 1.15 6.55 27.42
N GLU A 39 0.38 7.55 27.78
CA GLU A 39 -0.20 8.44 26.78
C GLU A 39 0.77 9.49 26.29
N LEU A 40 1.88 9.70 26.99
CA LEU A 40 2.81 10.71 26.59
C LEU A 40 4.02 10.03 26.01
N VAL A 41 4.28 10.25 24.74
CA VAL A 41 5.42 9.62 24.09
C VAL A 41 6.43 10.71 23.75
N LEU A 42 7.65 10.32 23.45
CA LEU A 42 8.72 11.26 23.16
C LEU A 42 10.06 10.49 23.15
N PRO A 43 11.12 11.02 22.48
CA PRO A 43 10.94 12.19 21.65
C PRO A 43 10.48 11.67 20.28
N HIS A 44 9.19 11.83 20.01
CA HIS A 44 8.47 10.97 19.05
C HIS A 44 9.22 10.85 17.72
N LYS A 47 9.87 8.50 11.49
CA LYS A 47 9.49 7.24 10.83
C LYS A 47 9.79 6.05 11.74
N GLU A 48 9.07 4.97 11.54
CA GLU A 48 9.21 3.80 12.41
C GLU A 48 10.66 3.37 12.53
N ASP A 49 11.04 2.78 13.66
CA ASP A 49 12.35 2.16 13.80
C ASP A 49 12.11 0.68 14.04
N ALA A 50 13.14 -0.05 14.43
CA ALA A 50 13.04 -1.51 14.52
C ALA A 50 12.13 -2.02 15.66
N GLY A 51 12.13 -1.33 16.78
CA GLY A 51 11.30 -1.69 17.93
C GLY A 51 9.81 -1.53 17.71
N ASP A 52 9.42 -0.50 16.97
CA ASP A 52 8.05 -0.37 16.57
C ASP A 52 7.62 -1.50 15.60
N VAL A 53 8.51 -1.92 14.71
CA VAL A 53 8.14 -2.93 13.74
C VAL A 53 8.01 -4.27 14.41
N GLN A 54 8.92 -4.57 15.32
CA GLN A 54 8.86 -5.81 16.09
C GLN A 54 7.60 -5.92 16.97
N GLN A 55 7.26 -4.86 17.67
CA GLN A 55 6.06 -4.88 18.48
C GLN A 55 4.80 -5.08 17.61
N PHE A 56 4.76 -4.45 16.45
CA PHE A 56 3.64 -4.64 15.55
C PHE A 56 3.48 -6.13 15.18
N TYR A 57 4.55 -6.78 14.77
CA TYR A 57 4.47 -8.19 14.47
C TYR A 57 4.19 -9.03 15.71
N ASP A 58 4.70 -8.62 16.87
CA ASP A 58 4.46 -9.39 18.09
C ASP A 58 2.99 -9.34 18.52
N LEU A 59 2.40 -8.15 18.44
CA LEU A 59 1.00 -7.99 18.75
C LEU A 59 0.12 -8.85 17.82
N LEU A 60 0.42 -8.84 16.52
CA LEU A 60 -0.29 -9.63 15.53
C LEU A 60 -0.14 -11.12 15.85
N SER A 61 1.07 -11.54 16.15
CA SER A 61 1.36 -12.93 16.42
C SER A 61 0.62 -13.43 17.64
N GLY A 62 0.56 -12.61 18.68
CA GLY A 62 -0.17 -12.98 19.93
C GLY A 62 -1.62 -13.33 19.73
N SER A 63 -2.24 -12.78 18.70
CA SER A 63 -3.61 -13.14 18.45
C SER A 63 -3.76 -14.49 17.74
N LEU A 64 -2.66 -15.05 17.28
CA LEU A 64 -2.71 -16.23 16.42
C LEU A 64 -3.27 -17.44 17.08
N GLU A 65 -2.60 -17.86 18.17
CA GLU A 65 -3.04 -18.97 19.01
C GLU A 65 -4.36 -18.69 19.62
N VAL A 66 -4.56 -17.46 20.06
CA VAL A 66 -5.82 -17.18 20.68
C VAL A 66 -6.97 -17.41 19.72
N ILE A 67 -6.87 -16.94 18.50
CA ILE A 67 -7.96 -17.09 17.58
C ILE A 67 -8.10 -18.52 17.10
N ARG A 68 -7.01 -19.23 16.93
CA ARG A 68 -7.13 -20.65 16.60
C ARG A 68 -7.85 -21.45 17.73
N LYS A 69 -7.49 -21.22 18.98
CA LYS A 69 -8.17 -21.94 20.09
C LYS A 69 -9.61 -21.49 20.18
N TRP A 70 -9.88 -20.22 19.86
CA TRP A 70 -11.27 -19.78 19.88
C TRP A 70 -12.12 -20.50 18.80
N ALA A 71 -11.54 -20.72 17.65
CA ALA A 71 -12.30 -21.31 16.52
C ALA A 71 -12.65 -22.76 16.79
N GLU A 72 -11.70 -23.50 17.37
CA GLU A 72 -11.92 -24.91 17.70
C GLU A 72 -13.09 -25.05 18.61
N LYS A 73 -13.47 -24.00 19.32
CA LYS A 73 -14.61 -24.11 20.21
C LYS A 73 -15.91 -23.73 19.58
N ILE A 74 -15.91 -23.35 18.30
CA ILE A 74 -17.16 -23.09 17.64
C ILE A 74 -17.74 -24.41 17.21
N PRO A 75 -18.96 -24.71 17.68
CA PRO A 75 -19.51 -26.03 17.39
C PRO A 75 -19.72 -26.13 15.90
N GLY A 76 -19.24 -27.21 15.34
CA GLY A 76 -19.25 -27.39 13.92
C GLY A 76 -17.94 -27.11 13.23
N PHE A 77 -17.10 -26.23 13.81
CA PHE A 77 -15.89 -25.84 13.08
C PHE A 77 -14.88 -26.96 13.01
N ALA A 78 -14.73 -27.73 14.08
CA ALA A 78 -13.76 -28.85 14.05
C ALA A 78 -14.23 -29.95 13.16
N GLU A 79 -15.46 -29.85 12.71
CA GLU A 79 -16.01 -30.85 11.81
C GLU A 79 -15.91 -30.48 10.36
N LEU A 80 -15.34 -29.32 10.07
CA LEU A 80 -15.03 -28.98 8.71
C LEU A 80 -13.76 -29.72 8.38
N SER A 81 -13.45 -29.83 7.11
CA SER A 81 -12.25 -30.57 6.73
C SER A 81 -11.04 -29.81 7.30
N PRO A 82 -9.93 -30.51 7.61
CA PRO A 82 -8.83 -29.71 8.15
C PRO A 82 -8.29 -28.63 7.17
N ALA A 83 -8.25 -28.92 5.88
CA ALA A 83 -7.80 -27.92 4.91
C ALA A 83 -8.76 -26.69 4.86
N ASP A 84 -10.04 -26.92 5.03
CA ASP A 84 -10.96 -25.80 5.08
C ASP A 84 -10.85 -24.97 6.37
N GLN A 85 -10.58 -25.62 7.47
CA GLN A 85 -10.25 -24.99 8.74
C GLN A 85 -9.08 -24.04 8.61
N ASP A 86 -7.98 -24.52 8.07
CA ASP A 86 -6.81 -23.65 7.89
C ASP A 86 -7.02 -22.47 6.94
N LEU A 87 -7.73 -22.71 5.84
CA LEU A 87 -8.02 -21.71 4.89
C LEU A 87 -8.92 -20.65 5.53
N LEU A 88 -9.94 -21.06 6.27
CA LEU A 88 -10.85 -20.12 6.86
C LEU A 88 -10.11 -19.29 7.88
N LEU A 89 -9.25 -19.94 8.67
CA LEU A 89 -8.48 -19.23 9.70
C LEU A 89 -7.49 -18.24 9.08
N GLU A 90 -6.71 -18.69 8.12
CA GLU A 90 -5.82 -17.78 7.42
C GLU A 90 -6.53 -16.60 6.78
N SER A 91 -7.69 -16.81 6.16
CA SER A 91 -8.25 -15.77 5.34
C SER A 91 -8.94 -14.71 6.24
N ALA A 92 -9.32 -15.11 7.44
CA ALA A 92 -10.08 -14.31 8.34
C ALA A 92 -9.23 -13.68 9.42
N PHE A 93 -7.97 -14.08 9.53
CA PHE A 93 -7.16 -13.65 10.66
C PHE A 93 -7.13 -12.12 10.90
N LEU A 94 -6.83 -11.38 9.87
CA LEU A 94 -6.71 -9.96 9.97
C LEU A 94 -8.00 -9.35 10.37
N GLU A 95 -9.06 -9.80 9.73
CA GLU A 95 -10.34 -9.28 10.02
C GLU A 95 -10.76 -9.55 11.47
N LEU A 96 -10.42 -10.73 11.96
CA LEU A 96 -10.77 -11.07 13.32
C LEU A 96 -9.95 -10.32 14.31
N PHE A 97 -8.66 -10.21 14.04
CA PHE A 97 -7.78 -9.43 14.88
C PHE A 97 -8.34 -7.99 15.05
N ILE A 98 -8.84 -7.43 13.98
CA ILE A 98 -9.32 -6.05 13.97
C ILE A 98 -10.61 -5.96 14.71
N LEU A 99 -11.49 -6.89 14.41
CA LEU A 99 -12.82 -6.79 15.00
C LEU A 99 -12.73 -6.94 16.50
N ARG A 100 -11.96 -7.93 16.95
CA ARG A 100 -11.88 -8.18 18.37
C ARG A 100 -11.13 -7.07 19.07
N LEU A 101 -10.12 -6.51 18.44
CA LEU A 101 -9.41 -5.39 18.98
C LEU A 101 -10.37 -4.17 19.10
N ALA A 102 -11.13 -3.88 18.04
CA ALA A 102 -12.08 -2.77 18.02
C ALA A 102 -13.12 -2.89 19.15
N TYR A 103 -13.63 -4.08 19.35
CA TYR A 103 -14.65 -4.30 20.33
C TYR A 103 -14.11 -4.22 21.76
N ARG A 104 -12.88 -4.69 21.94
CA ARG A 104 -12.23 -4.70 23.23
C ARG A 104 -11.64 -3.32 23.63
N SER A 105 -11.42 -2.45 22.67
CA SER A 105 -10.65 -1.27 22.98
C SER A 105 -11.57 -0.12 23.34
N LYS A 106 -10.97 0.98 23.77
CA LYS A 106 -11.77 2.17 24.19
C LYS A 106 -11.37 3.39 23.41
N PRO A 107 -11.99 3.59 22.23
CA PRO A 107 -11.44 4.61 21.35
C PRO A 107 -11.64 6.04 21.88
N GLY A 108 -12.61 6.25 22.75
CA GLY A 108 -12.74 7.59 23.35
C GLY A 108 -11.49 8.01 24.09
N GLU A 109 -10.75 7.07 24.67
CA GLU A 109 -9.55 7.45 25.40
C GLU A 109 -8.31 7.17 24.59
N GLY A 110 -8.47 6.83 23.33
CA GLY A 110 -7.32 6.29 22.60
C GLY A 110 -6.67 5.03 23.17
N LYS A 111 -7.43 4.17 23.84
CA LYS A 111 -6.84 2.99 24.48
C LYS A 111 -7.01 1.72 23.63
N LEU A 112 -5.90 1.08 23.24
CA LEU A 112 -5.93 -0.26 22.59
C LEU A 112 -5.74 -1.34 23.62
N ILE A 113 -6.65 -2.28 23.68
CA ILE A 113 -6.48 -3.40 24.58
C ILE A 113 -6.27 -4.70 23.77
N PHE A 114 -5.10 -5.31 23.87
CA PHE A 114 -4.77 -6.49 23.07
C PHE A 114 -5.17 -7.80 23.76
N CYS A 115 -5.20 -8.93 23.01
CA CYS A 115 -5.86 -10.14 23.60
C CYS A 115 -5.16 -10.66 24.82
N SER A 116 -3.87 -10.39 24.91
CA SER A 116 -3.12 -10.79 26.10
C SER A 116 -3.44 -9.97 27.34
N GLY A 117 -4.19 -8.88 27.23
CA GLY A 117 -4.38 -7.97 28.38
C GLY A 117 -3.54 -6.71 28.36
N LEU A 118 -2.52 -6.69 27.53
CA LEU A 118 -1.68 -5.52 27.35
C LEU A 118 -2.50 -4.31 26.89
N VAL A 119 -2.35 -3.20 27.61
CA VAL A 119 -3.03 -1.94 27.23
C VAL A 119 -2.00 -0.93 26.73
N LEU A 120 -2.27 -0.37 25.57
CA LEU A 120 -1.34 0.60 24.93
C LEU A 120 -2.12 1.79 24.46
N HIS A 121 -1.47 2.94 24.47
CA HIS A 121 -2.12 4.13 23.94
C HIS A 121 -1.92 4.17 22.41
N ARG A 122 -2.80 4.86 21.74
CA ARG A 122 -2.68 4.92 20.31
C ARG A 122 -1.38 5.48 19.82
N LEU A 123 -0.83 6.44 20.53
CA LEU A 123 0.42 7.03 20.12
C LEU A 123 1.57 6.08 20.35
N GLN A 124 1.39 5.06 21.18
CA GLN A 124 2.46 4.09 21.38
C GLN A 124 2.41 3.10 20.22
N CYS A 125 1.32 3.09 19.46
CA CYS A 125 1.19 2.16 18.34
C CYS A 125 1.33 2.76 16.99
N ALA A 126 1.19 4.07 16.93
CA ALA A 126 1.19 4.78 15.68
C ALA A 126 2.36 4.43 14.76
N ARG A 127 3.55 4.32 15.29
CA ARG A 127 4.71 4.17 14.46
C ARG A 127 4.73 2.81 13.78
N GLY A 128 4.40 1.76 14.50
CA GLY A 128 4.36 0.45 13.92
C GLY A 128 3.19 0.20 12.98
N PHE A 129 2.01 0.64 13.35
CA PHE A 129 0.81 0.39 12.55
C PHE A 129 0.57 1.38 11.41
N GLY A 130 1.12 2.60 11.51
CA GLY A 130 0.78 3.70 10.59
C GLY A 130 -0.67 4.10 10.73
N ASP A 131 -1.24 4.67 9.66
CA ASP A 131 -2.65 5.14 9.62
C ASP A 131 -3.68 4.10 10.00
N TRP A 132 -3.39 2.84 9.74
CA TRP A 132 -4.32 1.74 9.99
C TRP A 132 -4.92 1.79 11.41
N ILE A 133 -4.10 2.15 12.39
CA ILE A 133 -4.54 2.14 13.76
C ILE A 133 -5.60 3.20 13.98
N ASP A 134 -5.50 4.32 13.29
CA ASP A 134 -6.57 5.30 13.33
C ASP A 134 -7.80 4.80 12.69
N SER A 135 -7.67 4.03 11.61
CA SER A 135 -8.89 3.57 10.94
C SER A 135 -9.51 2.46 11.76
N ILE A 136 -8.70 1.75 12.49
CA ILE A 136 -9.23 0.73 13.40
C ILE A 136 -9.99 1.43 14.56
N LEU A 137 -9.45 2.51 15.11
CA LEU A 137 -10.15 3.24 16.17
C LEU A 137 -11.41 3.88 15.67
N ALA A 138 -11.41 4.37 14.45
CA ALA A 138 -12.64 4.90 13.89
C ALA A 138 -13.72 3.83 13.80
N PHE A 139 -13.33 2.61 13.43
CA PHE A 139 -14.27 1.49 13.30
C PHE A 139 -14.74 1.09 14.68
N SER A 140 -13.84 1.14 15.64
CA SER A 140 -14.20 0.82 17.02
C SER A 140 -15.26 1.77 17.60
N ARG A 141 -15.15 3.07 17.32
CA ARG A 141 -16.14 4.01 17.84
C ARG A 141 -17.48 3.76 17.17
N SER A 142 -17.43 3.44 15.90
CA SER A 142 -18.66 3.10 15.21
C SER A 142 -19.30 1.80 15.70
N LEU A 143 -18.47 0.79 15.97
CA LEU A 143 -18.94 -0.47 16.53
C LEU A 143 -19.57 -0.20 17.90
N HIS A 144 -18.91 0.61 18.69
CA HIS A 144 -19.42 0.96 20.00
C HIS A 144 -20.76 1.63 19.97
N SER A 145 -21.03 2.45 18.97
CA SER A 145 -22.32 3.17 18.92
C SER A 145 -23.44 2.21 18.71
N LEU A 146 -23.17 1.07 18.11
CA LEU A 146 -24.20 0.10 17.91
C LEU A 146 -24.53 -0.55 19.23
N LEU A 147 -23.66 -0.44 20.22
CA LEU A 147 -23.93 -1.08 21.49
C LEU A 147 -24.30 -2.53 21.21
N VAL A 148 -23.36 -3.25 20.63
CA VAL A 148 -23.54 -4.66 20.33
C VAL A 148 -23.29 -5.41 21.63
N ASP A 149 -24.22 -6.25 22.02
CA ASP A 149 -24.04 -7.00 23.24
C ASP A 149 -23.17 -8.23 22.95
N VAL A 150 -22.73 -8.90 24.00
CA VAL A 150 -21.75 -9.95 23.88
C VAL A 150 -22.28 -11.12 23.05
N PRO A 151 -23.53 -11.58 23.32
CA PRO A 151 -24.00 -12.60 22.42
C PRO A 151 -24.02 -12.24 20.94
N ALA A 152 -24.41 -11.02 20.61
CA ALA A 152 -24.51 -10.67 19.21
C ALA A 152 -23.09 -10.67 18.68
N PHE A 153 -22.16 -10.16 19.46
CA PHE A 153 -20.79 -10.10 19.01
C PHE A 153 -20.16 -11.48 18.91
N ALA A 154 -20.54 -12.39 19.79
CA ALA A 154 -20.03 -13.75 19.70
C ALA A 154 -20.46 -14.44 18.41
N CYS A 155 -21.67 -14.14 17.94
CA CYS A 155 -22.12 -14.66 16.65
C CYS A 155 -21.46 -13.96 15.50
N LEU A 156 -21.34 -12.63 15.60
CA LEU A 156 -20.76 -11.83 14.53
C LEU A 156 -19.36 -12.27 14.18
N SER A 157 -18.49 -12.40 15.18
CA SER A 157 -17.12 -12.75 14.91
C SER A 157 -17.00 -14.16 14.30
N ALA A 158 -17.90 -15.05 14.69
CA ALA A 158 -17.88 -16.37 14.14
C ALA A 158 -18.26 -16.34 12.70
N LEU A 159 -19.14 -15.40 12.32
CA LEU A 159 -19.53 -15.25 10.93
C LEU A 159 -18.42 -14.65 10.05
N VAL A 160 -17.50 -13.92 10.67
CA VAL A 160 -16.33 -13.41 9.95
C VAL A 160 -15.46 -14.60 9.56
N LEU A 161 -15.34 -15.57 10.44
CA LEU A 161 -14.51 -16.76 10.21
C LEU A 161 -15.17 -17.73 9.25
N ILE A 162 -16.45 -18.02 9.49
CA ILE A 162 -17.16 -19.07 8.84
C ILE A 162 -17.93 -18.44 7.67
N THR A 163 -17.26 -18.40 6.54
CA THR A 163 -17.78 -17.62 5.43
C THR A 163 -17.17 -18.19 4.16
N ASP A 164 -17.81 -17.95 3.03
CA ASP A 164 -17.28 -18.45 1.76
C ASP A 164 -15.90 -17.89 1.47
N ARG A 165 -14.98 -18.74 1.02
CA ARG A 165 -13.67 -18.35 0.51
C ARG A 165 -13.33 -19.20 -0.70
N HIS A 166 -12.50 -18.68 -1.60
CA HIS A 166 -12.07 -19.39 -2.77
C HIS A 166 -11.14 -20.54 -2.36
N GLY A 167 -11.36 -21.74 -2.91
CA GLY A 167 -10.54 -22.94 -2.60
C GLY A 167 -11.06 -23.84 -1.47
N LEU A 168 -12.25 -23.57 -0.96
CA LEU A 168 -12.87 -24.53 -0.01
C LEU A 168 -13.20 -25.86 -0.66
N GLN A 169 -12.97 -26.95 0.05
CA GLN A 169 -13.32 -28.30 -0.43
C GLN A 169 -14.81 -28.53 -0.31
N GLU A 170 -15.41 -28.02 0.78
CA GLU A 170 -16.81 -28.26 0.98
C GLU A 170 -17.56 -26.98 1.26
N PRO A 171 -17.57 -26.10 0.28
CA PRO A 171 -18.29 -24.85 0.52
C PRO A 171 -19.76 -24.92 0.99
N ARG A 172 -20.51 -25.96 0.65
CA ARG A 172 -21.89 -26.06 1.17
C ARG A 172 -21.91 -26.28 2.66
N ARG A 173 -20.96 -27.06 3.17
CA ARG A 173 -20.90 -27.33 4.63
C ARG A 173 -20.51 -26.07 5.40
N VAL A 174 -19.65 -25.25 4.80
CA VAL A 174 -19.32 -23.99 5.40
C VAL A 174 -20.54 -23.10 5.35
N GLU A 175 -21.23 -23.07 4.23
CA GLU A 175 -22.49 -22.33 4.15
C GLU A 175 -23.55 -22.79 5.13
N GLU A 176 -23.66 -24.09 5.41
CA GLU A 176 -24.71 -24.49 6.41
C GLU A 176 -24.37 -24.04 7.82
N LEU A 177 -23.09 -24.09 8.16
CA LEU A 177 -22.66 -23.71 9.50
C LEU A 177 -22.87 -22.22 9.67
N GLN A 178 -22.57 -21.46 8.63
CA GLN A 178 -22.87 -20.01 8.62
C GLN A 178 -24.35 -19.77 8.77
N ASN A 179 -25.17 -20.51 8.01
CA ASN A 179 -26.63 -20.34 8.15
C ASN A 179 -27.02 -20.65 9.55
N ARG A 180 -26.39 -21.63 10.13
CA ARG A 180 -26.71 -21.97 11.51
C ARG A 180 -26.45 -20.77 12.44
N ILE A 181 -25.32 -20.08 12.22
CA ILE A 181 -24.92 -19.04 13.14
C ILE A 181 -25.70 -17.78 12.85
N ALA A 182 -25.96 -17.48 11.60
CA ALA A 182 -26.81 -16.34 11.27
C ALA A 182 -28.26 -16.49 11.88
N SER A 183 -28.85 -17.68 11.82
CA SER A 183 -30.19 -17.91 12.43
C SER A 183 -30.17 -17.60 13.92
N CYS A 184 -29.13 -18.10 14.57
CA CYS A 184 -28.91 -17.93 15.99
C CYS A 184 -28.80 -16.45 16.34
N LEU A 185 -28.08 -15.69 15.53
CA LEU A 185 -27.91 -14.29 15.78
C LEU A 185 -29.25 -13.57 15.58
N LYS A 186 -29.86 -13.80 14.44
CA LYS A 186 -31.12 -13.22 14.10
C LYS A 186 -32.15 -13.45 15.20
N GLU A 187 -32.22 -14.66 15.70
CA GLU A 187 -33.19 -14.94 16.72
C GLU A 187 -32.84 -14.13 17.94
N HIS A 188 -31.59 -14.23 18.38
CA HIS A 188 -31.19 -13.51 19.55
C HIS A 188 -31.53 -12.01 19.46
N VAL A 189 -31.30 -11.40 18.31
CA VAL A 189 -31.57 -9.97 18.18
C VAL A 189 -33.04 -9.69 18.40
N ALA A 190 -33.90 -10.57 17.89
CA ALA A 190 -35.32 -10.46 18.08
C ALA A 190 -35.70 -10.64 19.55
N ALA A 191 -35.14 -11.65 20.20
CA ALA A 191 -35.43 -11.93 21.61
C ALA A 191 -35.14 -10.70 22.46
N VAL A 192 -34.20 -9.87 22.02
CA VAL A 192 -33.81 -8.70 22.79
C VAL A 192 -34.41 -7.37 22.31
N ALA A 193 -35.21 -7.35 21.24
CA ALA A 193 -35.72 -6.04 20.78
C ALA A 193 -37.06 -6.01 20.05
N GLY A 194 -38.16 -6.18 20.77
CA GLY A 194 -39.50 -5.89 20.23
C GLY A 194 -39.87 -6.71 19.01
N GLU A 195 -41.11 -6.58 18.56
CA GLU A 195 -41.63 -7.43 17.49
C GLU A 195 -42.84 -6.77 16.77
N PRO A 196 -43.49 -7.47 15.79
CA PRO A 196 -42.98 -8.77 15.33
C PRO A 196 -41.63 -8.65 14.62
N ALA A 199 -33.69 -6.50 12.23
CA ALA A 199 -33.36 -6.24 10.83
C ALA A 199 -32.49 -4.99 10.71
N SER A 200 -33.08 -3.84 11.02
CA SER A 200 -32.33 -2.61 10.98
C SER A 200 -31.28 -2.62 12.05
N CYS A 201 -31.54 -3.29 13.17
CA CYS A 201 -30.44 -3.59 14.07
C CYS A 201 -29.62 -4.60 13.28
N LEU A 202 -30.26 -5.71 12.96
CA LEU A 202 -29.57 -6.80 12.32
C LEU A 202 -28.79 -6.35 11.11
N SER A 203 -29.51 -5.84 10.12
CA SER A 203 -28.83 -5.46 8.90
C SER A 203 -27.82 -4.33 9.23
N ARG A 204 -28.01 -3.64 10.35
CA ARG A 204 -27.00 -2.65 10.77
C ARG A 204 -25.74 -3.32 11.27
N LEU A 205 -25.91 -4.43 11.98
CA LEU A 205 -24.76 -5.16 12.42
C LEU A 205 -24.01 -5.82 11.27
N LEU A 206 -24.73 -6.45 10.35
CA LEU A 206 -24.13 -7.10 9.22
C LEU A 206 -23.44 -6.10 8.33
N GLY A 207 -23.92 -4.88 8.32
CA GLY A 207 -23.27 -3.82 7.52
C GLY A 207 -21.83 -3.52 7.93
N LYS A 208 -21.43 -3.95 9.13
CA LYS A 208 -20.06 -3.76 9.55
C LYS A 208 -19.17 -4.71 8.76
N LEU A 209 -19.62 -5.92 8.47
CA LEU A 209 -18.73 -6.89 7.82
C LEU A 209 -18.02 -6.38 6.54
N PRO A 210 -18.74 -5.65 5.66
CA PRO A 210 -18.04 -5.05 4.53
C PRO A 210 -17.00 -4.02 4.93
N GLU A 211 -17.26 -3.22 5.96
CA GLU A 211 -16.22 -2.25 6.40
C GLU A 211 -14.99 -3.00 6.95
N LEU A 212 -15.21 -4.13 7.60
CA LEU A 212 -14.12 -4.91 8.14
C LEU A 212 -13.20 -5.44 7.04
N ARG A 213 -13.78 -5.86 5.91
CA ARG A 213 -12.97 -6.33 4.79
C ARG A 213 -12.07 -5.23 4.29
N THR A 214 -12.60 -4.03 4.19
CA THR A 214 -11.77 -2.86 3.82
C THR A 214 -10.62 -2.62 4.78
N LEU A 215 -10.82 -2.75 6.10
CA LEU A 215 -9.67 -2.56 7.05
C LEU A 215 -8.69 -3.68 6.94
N CYS A 216 -9.16 -4.87 6.60
CA CYS A 216 -8.24 -5.98 6.39
C CYS A 216 -7.23 -5.60 5.30
N THR A 217 -7.73 -5.07 4.21
CA THR A 217 -6.89 -4.54 3.14
C THR A 217 -5.87 -3.50 3.58
N GLN A 218 -6.29 -2.54 4.39
CA GLN A 218 -5.27 -1.57 4.95
C GLN A 218 -4.19 -2.24 5.73
N GLY A 219 -4.55 -3.34 6.40
CA GLY A 219 -3.55 -4.15 7.07
C GLY A 219 -2.58 -4.82 6.12
N LEU A 220 -3.11 -5.40 5.04
CA LEU A 220 -2.20 -6.03 4.05
C LEU A 220 -1.28 -4.94 3.46
N GLN A 221 -1.82 -3.74 3.28
CA GLN A 221 -1.02 -2.65 2.75
C GLN A 221 0.09 -2.29 3.68
N ARG A 222 -0.18 -2.31 4.99
CA ARG A 222 0.83 -1.95 5.95
C ARG A 222 1.91 -3.01 6.00
N ILE A 223 1.53 -4.27 5.91
CA ILE A 223 2.53 -5.32 5.93
C ILE A 223 3.39 -5.25 4.66
N PHE A 224 2.76 -5.00 3.52
CA PHE A 224 3.54 -4.85 2.28
C PHE A 224 4.60 -3.78 2.50
N TYR A 225 4.17 -2.63 2.99
CA TYR A 225 5.07 -1.54 3.20
C TYR A 225 6.21 -1.96 4.13
N LEU A 226 5.92 -2.68 5.22
CA LEU A 226 6.98 -2.99 6.14
C LEU A 226 7.87 -4.01 5.53
N LYS A 227 7.30 -4.86 4.67
CA LYS A 227 8.13 -5.85 4.02
C LYS A 227 9.09 -5.19 3.03
N LEU A 228 8.62 -4.12 2.38
CA LEU A 228 9.44 -3.34 1.47
C LEU A 228 10.57 -2.69 2.18
N GLU A 229 10.27 -2.08 3.30
CA GLU A 229 11.20 -1.25 4.00
C GLU A 229 12.22 -2.17 4.66
N ASP A 230 11.72 -3.27 5.21
CA ASP A 230 12.53 -4.38 5.69
C ASP A 230 13.45 -4.11 6.88
N LEU A 231 13.00 -3.28 7.81
CA LEU A 231 13.69 -3.12 9.10
C LEU A 231 13.74 -4.44 9.85
N VAL A 232 12.60 -5.09 9.96
CA VAL A 232 12.49 -6.37 10.67
C VAL A 232 11.56 -7.25 9.85
N PRO A 233 11.98 -8.47 9.57
CA PRO A 233 11.14 -9.28 8.69
C PRO A 233 9.91 -9.81 9.42
N PRO A 234 8.81 -10.12 8.68
CA PRO A 234 7.66 -10.59 9.41
C PRO A 234 7.93 -12.01 9.90
N PRO A 235 7.37 -12.40 11.06
CA PRO A 235 7.55 -13.80 11.42
C PRO A 235 6.85 -14.75 10.41
N PRO A 236 7.36 -15.99 10.29
CA PRO A 236 6.91 -16.81 9.13
C PRO A 236 5.42 -17.02 8.98
N ILE A 237 4.73 -17.17 10.09
CA ILE A 237 3.32 -17.46 10.01
C ILE A 237 2.53 -16.24 9.54
N ILE A 238 3.00 -15.07 9.92
CA ILE A 238 2.33 -13.87 9.45
C ILE A 238 2.60 -13.74 7.97
N ASP A 239 3.86 -13.95 7.62
CA ASP A 239 4.29 -13.87 6.22
C ASP A 239 3.49 -14.78 5.34
N LYS A 240 3.17 -15.97 5.86
CA LYS A 240 2.43 -16.95 5.09
C LYS A 240 0.99 -16.49 4.83
N ILE A 241 0.36 -15.99 5.89
CA ILE A 241 -0.95 -15.42 5.79
C ILE A 241 -0.99 -14.32 4.73
N PHE A 242 0.01 -13.44 4.81
CA PHE A 242 0.16 -12.37 3.83
C PHE A 242 0.23 -12.89 2.40
N MET A 243 1.15 -13.81 2.16
CA MET A 243 1.29 -14.39 0.79
C MET A 243 0.07 -15.20 0.35
N ASP A 244 -0.53 -16.01 1.23
CA ASP A 244 -1.67 -16.86 0.84
C ASP A 244 -2.92 -16.07 0.54
N THR A 245 -3.06 -14.93 1.21
CA THR A 245 -4.23 -14.10 1.03
C THR A 245 -4.05 -13.04 -0.10
N LEU A 246 -2.93 -13.05 -0.81
CA LEU A 246 -2.83 -12.19 -1.96
C LEU A 246 -3.42 -12.83 -3.19
N PRO A 247 -4.54 -12.28 -3.69
CA PRO A 247 -5.17 -12.87 -4.88
C PRO A 247 -4.37 -12.76 -6.21
N PHE A 248 -3.04 -12.89 -6.15
CA PHE A 248 -2.17 -12.73 -7.34
C PHE A 248 -0.77 -13.35 -7.12
N PRO B 11 28.62 19.58 -29.03
CA PRO B 11 29.29 20.63 -28.25
C PRO B 11 28.81 20.78 -26.78
N ALA B 12 29.27 19.91 -25.86
CA ALA B 12 30.09 18.74 -26.18
C ALA B 12 29.18 17.83 -26.97
N ASN B 13 29.74 16.79 -27.57
CA ASN B 13 28.88 15.95 -28.38
C ASN B 13 28.01 14.92 -27.61
N LEU B 14 28.52 14.41 -26.51
CA LEU B 14 27.74 13.54 -25.65
C LEU B 14 26.62 14.41 -25.08
N LEU B 15 26.99 15.55 -24.54
CA LEU B 15 26.04 16.49 -23.99
C LEU B 15 24.99 16.78 -24.99
N THR B 16 25.40 16.99 -26.21
CA THR B 16 24.44 17.42 -27.20
C THR B 16 23.51 16.29 -27.53
N SER B 17 24.01 15.07 -27.39
CA SER B 17 23.21 13.92 -27.73
C SER B 17 22.20 13.65 -26.62
N LEU B 18 22.65 13.83 -25.39
CA LEU B 18 21.77 13.68 -24.24
C LEU B 18 20.67 14.70 -24.29
N VAL B 19 20.98 15.94 -24.68
CA VAL B 19 19.95 16.97 -24.73
C VAL B 19 18.91 16.64 -25.76
N ARG B 20 19.36 16.14 -26.90
CA ARG B 20 18.42 15.89 -27.99
C ARG B 20 17.52 14.69 -27.66
N ALA B 21 18.08 13.70 -27.00
CA ALA B 21 17.26 12.56 -26.63
C ALA B 21 16.22 13.03 -25.60
N HIS B 22 16.66 13.83 -24.65
CA HIS B 22 15.70 14.37 -23.67
C HIS B 22 14.59 15.17 -24.32
N LEU B 23 14.92 16.17 -25.11
CA LEU B 23 13.85 16.98 -25.75
C LEU B 23 12.96 16.23 -26.71
N ASP B 24 13.46 15.20 -27.39
CA ASP B 24 12.60 14.42 -28.26
C ASP B 24 11.75 13.42 -27.47
N SER B 25 12.00 13.28 -26.18
CA SER B 25 11.25 12.29 -25.37
C SER B 25 10.06 12.91 -24.63
N GLY B 26 9.82 14.17 -24.87
CA GLY B 26 8.80 14.87 -24.17
C GLY B 26 8.06 15.69 -25.20
N PRO B 27 7.07 16.46 -24.77
CA PRO B 27 6.41 17.25 -25.77
C PRO B 27 6.85 18.72 -25.69
N SER B 28 6.75 19.38 -26.83
CA SER B 28 6.94 20.82 -26.91
C SER B 28 5.66 21.50 -26.53
N THR B 29 5.77 22.75 -26.11
CA THR B 29 4.59 23.55 -25.83
C THR B 29 3.56 23.55 -26.93
N ALA B 30 3.90 23.01 -28.09
CA ALA B 30 2.97 23.00 -29.19
C ALA B 30 2.12 21.78 -29.13
N LYS B 31 2.76 20.67 -28.80
CA LYS B 31 2.08 19.40 -28.78
C LYS B 31 1.27 19.18 -27.48
N LEU B 32 1.14 20.18 -26.60
CA LEU B 32 0.36 20.02 -25.35
C LEU B 32 -1.08 19.83 -25.71
N ASP B 33 -1.65 18.78 -25.14
CA ASP B 33 -2.98 18.36 -25.47
C ASP B 33 -3.86 18.59 -24.25
N TYR B 34 -4.72 19.60 -24.37
CA TYR B 34 -5.68 19.93 -23.36
C TYR B 34 -7.06 19.37 -23.65
N SER B 35 -7.15 18.37 -24.53
CA SER B 35 -8.45 17.79 -24.89
C SER B 35 -9.17 17.04 -23.76
N LYS B 36 -8.48 16.68 -22.67
CA LYS B 36 -9.18 16.01 -21.58
C LYS B 36 -9.11 16.84 -20.32
N PHE B 37 -8.37 17.94 -20.38
CA PHE B 37 -8.13 18.72 -19.19
C PHE B 37 -9.41 19.34 -18.67
N GLN B 38 -9.65 19.21 -17.38
CA GLN B 38 -10.69 19.93 -16.74
C GLN B 38 -10.16 20.59 -15.51
N GLU B 39 -10.53 21.85 -15.37
CA GLU B 39 -9.92 22.67 -14.37
C GLU B 39 -10.52 22.39 -13.02
N LEU B 40 -11.76 21.97 -12.99
CA LEU B 40 -12.35 21.55 -11.72
C LEU B 40 -13.06 20.27 -12.01
N VAL B 41 -12.93 19.31 -11.13
CA VAL B 41 -13.71 18.11 -11.26
C VAL B 41 -14.17 17.86 -9.84
N LEU B 42 -15.35 17.32 -9.66
CA LEU B 42 -15.84 17.00 -8.35
C LEU B 42 -15.66 15.51 -8.22
N PRO B 43 -14.54 15.06 -7.60
CA PRO B 43 -14.48 13.61 -7.52
C PRO B 43 -15.05 13.12 -6.21
N HIS B 44 -15.10 11.80 -6.16
CA HIS B 44 -15.41 11.11 -4.96
C HIS B 44 -14.10 10.56 -4.43
N PHE B 45 -13.52 11.22 -3.45
CA PHE B 45 -12.20 10.82 -2.94
C PHE B 45 -12.23 9.45 -2.24
N GLY B 46 -11.12 8.72 -2.34
CA GLY B 46 -10.90 7.46 -1.62
C GLY B 46 -11.24 6.17 -2.37
N LYS B 47 -11.59 6.29 -3.62
CA LYS B 47 -11.99 5.20 -4.45
C LYS B 47 -11.76 5.56 -5.89
N GLU B 48 -11.97 4.59 -6.75
CA GLU B 48 -11.66 4.73 -8.13
C GLU B 48 -12.56 3.79 -8.89
N ASP B 49 -12.80 4.03 -10.16
CA ASP B 49 -13.50 3.04 -10.95
C ASP B 49 -12.56 2.51 -12.04
N ALA B 50 -13.08 1.67 -12.94
CA ALA B 50 -12.22 0.94 -13.88
C ALA B 50 -11.51 1.91 -14.84
N GLY B 51 -12.19 2.97 -15.28
CA GLY B 51 -11.58 3.99 -16.17
C GLY B 51 -10.40 4.70 -15.47
N ASP B 52 -10.53 5.07 -14.21
CA ASP B 52 -9.43 5.71 -13.55
C ASP B 52 -8.26 4.74 -13.49
N VAL B 53 -8.52 3.46 -13.27
CA VAL B 53 -7.44 2.51 -13.08
C VAL B 53 -6.75 2.21 -14.38
N GLN B 54 -7.53 2.04 -15.43
CA GLN B 54 -6.95 1.83 -16.76
C GLN B 54 -6.10 3.00 -17.27
N GLN B 55 -6.59 4.23 -17.06
CA GLN B 55 -5.80 5.39 -17.40
C GLN B 55 -4.47 5.48 -16.60
N PHE B 56 -4.51 5.19 -15.31
CA PHE B 56 -3.28 5.16 -14.51
C PHE B 56 -2.28 4.20 -15.17
N TYR B 57 -2.72 2.98 -15.45
CA TYR B 57 -1.82 2.00 -16.09
C TYR B 57 -1.41 2.42 -17.48
N ASP B 58 -2.29 3.06 -18.22
CA ASP B 58 -1.91 3.49 -19.56
C ASP B 58 -0.80 4.56 -19.56
N LEU B 59 -0.94 5.52 -18.67
CA LEU B 59 0.06 6.58 -18.47
C LEU B 59 1.39 5.97 -18.08
N LEU B 60 1.37 5.01 -17.20
CA LEU B 60 2.62 4.35 -16.79
C LEU B 60 3.24 3.61 -18.00
N SER B 61 2.41 2.93 -18.77
CA SER B 61 2.87 2.14 -19.96
C SER B 61 3.39 3.00 -21.06
N GLY B 62 2.64 4.03 -21.38
CA GLY B 62 3.09 5.02 -22.36
C GLY B 62 4.41 5.69 -21.99
N SER B 63 4.60 5.99 -20.71
CA SER B 63 5.86 6.59 -20.26
C SER B 63 6.98 5.59 -20.33
N LEU B 64 6.72 4.33 -20.06
CA LEU B 64 7.75 3.30 -20.25
C LEU B 64 8.20 3.14 -21.72
N GLU B 65 7.32 3.24 -22.69
CA GLU B 65 7.74 3.17 -24.11
C GLU B 65 8.55 4.39 -24.54
N VAL B 66 8.16 5.56 -24.09
CA VAL B 66 8.93 6.75 -24.30
C VAL B 66 10.29 6.69 -23.62
N ILE B 67 10.32 6.24 -22.38
CA ILE B 67 11.60 6.16 -21.72
C ILE B 67 12.53 5.11 -22.40
N ARG B 68 11.98 4.06 -22.95
CA ARG B 68 12.78 3.10 -23.74
C ARG B 68 13.38 3.74 -24.99
N LYS B 69 12.59 4.52 -25.73
CA LYS B 69 13.15 5.21 -26.91
C LYS B 69 14.18 6.25 -26.54
N TRP B 70 14.00 6.85 -25.40
CA TRP B 70 14.95 7.86 -24.96
C TRP B 70 16.27 7.18 -24.63
N ALA B 71 16.19 6.03 -24.01
CA ALA B 71 17.39 5.35 -23.56
C ALA B 71 18.19 4.85 -24.73
N GLU B 72 17.48 4.37 -25.74
CA GLU B 72 18.10 3.86 -26.95
C GLU B 72 18.93 4.95 -27.63
N LYS B 73 18.67 6.22 -27.34
CA LYS B 73 19.45 7.31 -27.91
C LYS B 73 20.59 7.76 -27.03
N ILE B 74 20.78 7.20 -25.85
CA ILE B 74 21.92 7.58 -25.07
C ILE B 74 23.11 6.83 -25.66
N PRO B 75 24.14 7.56 -26.09
CA PRO B 75 25.23 6.90 -26.80
C PRO B 75 25.85 5.90 -25.88
N GLY B 76 25.99 4.68 -26.36
CA GLY B 76 26.48 3.57 -25.57
C GLY B 76 25.42 2.61 -25.09
N PHE B 77 24.22 3.07 -24.86
CA PHE B 77 23.24 2.23 -24.14
C PHE B 77 22.75 1.06 -25.00
N ALA B 78 22.56 1.31 -26.30
CA ALA B 78 22.06 0.27 -27.19
C ALA B 78 23.05 -0.85 -27.43
N GLU B 79 24.30 -0.65 -27.09
CA GLU B 79 25.24 -1.73 -27.21
C GLU B 79 25.42 -2.52 -25.97
N LEU B 80 24.73 -2.13 -24.90
CA LEU B 80 24.80 -3.00 -23.68
C LEU B 80 24.07 -4.30 -24.00
N SER B 81 24.33 -5.36 -23.23
CA SER B 81 23.68 -6.62 -23.51
C SER B 81 22.16 -6.38 -23.40
N PRO B 82 21.33 -7.18 -24.14
CA PRO B 82 19.88 -6.91 -24.00
C PRO B 82 19.37 -7.11 -22.62
N ALA B 83 19.90 -8.09 -21.91
CA ALA B 83 19.46 -8.28 -20.55
C ALA B 83 19.82 -7.07 -19.65
N ASP B 84 20.97 -6.43 -19.87
CA ASP B 84 21.37 -5.30 -19.03
C ASP B 84 20.58 -4.05 -19.32
N GLN B 85 20.24 -3.87 -20.57
CA GLN B 85 19.36 -2.84 -20.99
C GLN B 85 18.01 -2.94 -20.25
N ASP B 86 17.41 -4.11 -20.30
CA ASP B 86 16.15 -4.31 -19.59
C ASP B 86 16.20 -4.11 -18.10
N LEU B 87 17.26 -4.62 -17.50
CA LEU B 87 17.41 -4.53 -16.07
C LEU B 87 17.55 -3.06 -15.66
N LEU B 88 18.29 -2.26 -16.42
CA LEU B 88 18.48 -0.88 -16.08
C LEU B 88 17.19 -0.12 -16.20
N LEU B 89 16.47 -0.36 -17.28
CA LEU B 89 15.22 0.28 -17.56
C LEU B 89 14.21 -0.06 -16.48
N GLU B 90 14.08 -1.32 -16.19
CA GLU B 90 13.19 -1.74 -15.13
C GLU B 90 13.50 -1.18 -13.76
N SER B 91 14.77 -1.11 -13.39
CA SER B 91 15.10 -0.78 -12.05
C SER B 91 14.92 0.73 -11.90
N ALA B 92 15.03 1.45 -12.99
CA ALA B 92 14.93 2.90 -12.99
C ALA B 92 13.59 3.50 -13.42
N PHE B 93 12.68 2.71 -13.94
CA PHE B 93 11.47 3.24 -14.54
C PHE B 93 10.66 4.21 -13.64
N LEU B 94 10.32 3.78 -12.45
CA LEU B 94 9.47 4.55 -11.56
C LEU B 94 10.10 5.87 -11.17
N GLU B 95 11.36 5.79 -10.83
CA GLU B 95 12.15 6.95 -10.52
C GLU B 95 12.19 7.93 -11.70
N LEU B 96 12.38 7.41 -12.91
CA LEU B 96 12.40 8.27 -14.09
C LEU B 96 11.04 8.81 -14.38
N PHE B 97 10.01 8.00 -14.26
CA PHE B 97 8.67 8.46 -14.55
C PHE B 97 8.34 9.64 -13.62
N ILE B 98 8.74 9.54 -12.37
CA ILE B 98 8.40 10.56 -11.40
C ILE B 98 9.23 11.82 -11.62
N LEU B 99 10.51 11.62 -11.87
CA LEU B 99 11.40 12.75 -12.04
C LEU B 99 11.07 13.55 -13.28
N ARG B 100 10.84 12.91 -14.39
CA ARG B 100 10.45 13.64 -15.58
C ARG B 100 9.07 14.25 -15.46
N LEU B 101 8.12 13.58 -14.80
CA LEU B 101 6.80 14.15 -14.61
C LEU B 101 6.87 15.40 -13.73
N ALA B 102 7.62 15.32 -12.65
CA ALA B 102 7.85 16.45 -11.84
C ALA B 102 8.49 17.63 -12.58
N TYR B 103 9.52 17.34 -13.37
CA TYR B 103 10.27 18.39 -14.03
C TYR B 103 9.41 19.06 -15.06
N ARG B 104 8.56 18.29 -15.69
CA ARG B 104 7.72 18.80 -16.78
C ARG B 104 6.46 19.54 -16.29
N SER B 105 5.99 19.22 -15.09
CA SER B 105 4.69 19.62 -14.68
C SER B 105 4.63 21.07 -14.19
N LYS B 106 3.42 21.55 -13.93
CA LYS B 106 3.24 22.91 -13.44
C LYS B 106 2.44 22.90 -12.14
N PRO B 107 3.15 22.71 -11.05
CA PRO B 107 2.50 22.53 -9.79
C PRO B 107 1.80 23.80 -9.29
N GLY B 108 2.24 24.96 -9.72
CA GLY B 108 1.54 26.20 -9.36
C GLY B 108 0.15 26.33 -10.01
N GLU B 109 -0.16 25.50 -11.00
CA GLU B 109 -1.56 25.48 -11.51
C GLU B 109 -2.18 24.13 -11.24
N GLY B 110 -1.56 23.33 -10.41
CA GLY B 110 -2.04 21.97 -10.23
C GLY B 110 -2.07 21.12 -11.50
N LYS B 111 -1.18 21.37 -12.43
CA LYS B 111 -1.19 20.65 -13.71
C LYS B 111 -0.12 19.56 -13.82
N LEU B 112 -0.55 18.34 -14.12
CA LEU B 112 0.35 17.26 -14.51
C LEU B 112 0.46 17.24 -16.00
N ILE B 113 1.68 17.21 -16.48
CA ILE B 113 1.85 17.09 -17.93
C ILE B 113 2.62 15.82 -18.23
N PHE B 114 2.00 14.90 -18.92
CA PHE B 114 2.58 13.59 -19.17
C PHE B 114 3.37 13.56 -20.47
N CYS B 115 4.14 12.50 -20.70
CA CYS B 115 5.12 12.56 -21.80
C CYS B 115 4.51 12.67 -23.20
N SER B 116 3.28 12.19 -23.37
CA SER B 116 2.51 12.37 -24.61
C SER B 116 1.96 13.75 -24.83
N GLY B 117 2.14 14.69 -23.90
CA GLY B 117 1.58 16.03 -24.07
C GLY B 117 0.25 16.18 -23.34
N LEU B 118 -0.33 15.07 -22.92
CA LEU B 118 -1.57 15.05 -22.15
C LEU B 118 -1.45 15.86 -20.83
N VAL B 119 -2.35 16.83 -20.64
CA VAL B 119 -2.39 17.67 -19.49
C VAL B 119 -3.63 17.29 -18.71
N LEU B 120 -3.42 17.05 -17.42
CA LEU B 120 -4.50 16.59 -16.54
C LEU B 120 -4.39 17.38 -15.26
N HIS B 121 -5.50 17.74 -14.70
CA HIS B 121 -5.49 18.46 -13.47
C HIS B 121 -5.25 17.48 -12.34
N ARG B 122 -4.73 17.98 -11.24
CA ARG B 122 -4.52 17.14 -10.11
C ARG B 122 -5.76 16.34 -9.61
N LEU B 123 -6.93 16.96 -9.65
CA LEU B 123 -8.18 16.36 -9.23
C LEU B 123 -8.62 15.28 -10.20
N GLN B 124 -8.18 15.35 -11.45
CA GLN B 124 -8.49 14.31 -12.39
C GLN B 124 -7.56 13.13 -12.19
N CYS B 125 -6.46 13.32 -11.50
CA CYS B 125 -5.56 12.16 -11.31
C CYS B 125 -5.78 11.53 -9.94
N ALA B 126 -6.50 12.21 -9.07
CA ALA B 126 -6.63 11.79 -7.68
C ALA B 126 -7.17 10.38 -7.52
N ARG B 127 -8.13 10.00 -8.31
CA ARG B 127 -8.74 8.73 -8.20
C ARG B 127 -7.83 7.58 -8.65
N GLY B 128 -7.21 7.66 -9.83
CA GLY B 128 -6.28 6.60 -10.28
C GLY B 128 -4.98 6.53 -9.46
N PHE B 129 -4.36 7.67 -9.22
CA PHE B 129 -3.06 7.71 -8.54
C PHE B 129 -3.14 7.75 -7.02
N GLY B 130 -4.27 8.20 -6.49
CA GLY B 130 -4.41 8.44 -5.02
C GLY B 130 -3.57 9.62 -4.57
N ASP B 131 -3.08 9.54 -3.36
CA ASP B 131 -2.23 10.56 -2.75
C ASP B 131 -0.92 10.80 -3.45
N TRP B 132 -0.38 9.77 -4.08
CA TRP B 132 0.89 9.82 -4.77
C TRP B 132 1.06 11.03 -5.67
N ILE B 133 -0.01 11.37 -6.37
CA ILE B 133 0.10 12.44 -7.32
C ILE B 133 0.31 13.76 -6.61
N ASP B 134 -0.26 13.92 -5.45
CA ASP B 134 -0.04 15.17 -4.67
C ASP B 134 1.36 15.20 -4.20
N SER B 135 1.90 14.04 -3.82
CA SER B 135 3.28 14.07 -3.33
C SER B 135 4.23 14.29 -4.53
N ILE B 136 3.80 13.90 -5.72
CA ILE B 136 4.60 14.14 -6.89
C ILE B 136 4.59 15.63 -7.21
N LEU B 137 3.46 16.29 -7.07
CA LEU B 137 3.43 17.73 -7.24
C LEU B 137 4.23 18.50 -6.20
N ALA B 138 4.24 18.03 -4.98
CA ALA B 138 5.12 18.62 -3.96
C ALA B 138 6.60 18.52 -4.38
N PHE B 139 7.00 17.37 -4.92
CA PHE B 139 8.36 17.14 -5.35
C PHE B 139 8.68 18.01 -6.56
N SER B 140 7.71 18.23 -7.44
CA SER B 140 7.85 19.10 -8.51
C SER B 140 8.19 20.51 -8.05
N ARG B 141 7.51 21.03 -7.06
CA ARG B 141 7.84 22.41 -6.60
C ARG B 141 9.25 22.44 -6.03
N SER B 142 9.58 21.40 -5.31
CA SER B 142 10.90 21.33 -4.72
C SER B 142 12.00 21.24 -5.80
N LEU B 143 11.76 20.46 -6.85
CA LEU B 143 12.69 20.38 -7.94
C LEU B 143 12.80 21.72 -8.65
N HIS B 144 11.67 22.34 -8.96
CA HIS B 144 11.70 23.62 -9.67
C HIS B 144 12.48 24.71 -8.96
N SER B 145 12.49 24.67 -7.63
CA SER B 145 13.12 25.72 -6.86
C SER B 145 14.63 25.66 -6.99
N LEU B 146 15.16 24.53 -7.46
CA LEU B 146 16.58 24.39 -7.73
C LEU B 146 16.95 24.93 -9.09
N LEU B 147 15.96 25.15 -9.94
CA LEU B 147 16.24 25.67 -11.27
C LEU B 147 17.32 24.87 -12.03
N VAL B 148 17.07 23.59 -12.26
CA VAL B 148 17.98 22.77 -13.03
C VAL B 148 17.71 23.02 -14.48
N ASP B 149 18.75 23.43 -15.22
CA ASP B 149 18.56 23.70 -16.65
C ASP B 149 18.45 22.37 -17.41
N VAL B 150 18.07 22.44 -18.68
CA VAL B 150 17.85 21.29 -19.51
C VAL B 150 19.06 20.40 -19.70
N PRO B 151 20.24 20.98 -19.97
CA PRO B 151 21.36 20.09 -20.12
C PRO B 151 21.70 19.37 -18.86
N ALA B 152 21.59 20.04 -17.72
CA ALA B 152 21.98 19.38 -16.49
C ALA B 152 20.97 18.27 -16.27
N PHE B 153 19.70 18.54 -16.55
CA PHE B 153 18.68 17.57 -16.32
C PHE B 153 18.85 16.41 -17.30
N ALA B 154 19.26 16.68 -18.52
CA ALA B 154 19.47 15.61 -19.48
C ALA B 154 20.52 14.66 -19.02
N CYS B 155 21.55 15.16 -18.35
CA CYS B 155 22.55 14.28 -17.82
C CYS B 155 22.09 13.55 -16.58
N LEU B 156 21.45 14.29 -15.69
CA LEU B 156 21.04 13.76 -14.41
C LEU B 156 20.08 12.58 -14.61
N SER B 157 19.10 12.71 -15.50
CA SER B 157 18.15 11.64 -15.71
C SER B 157 18.83 10.47 -16.31
N ALA B 158 19.82 10.70 -17.18
CA ALA B 158 20.58 9.60 -17.73
C ALA B 158 21.37 8.93 -16.66
N LEU B 159 21.81 9.65 -15.64
CA LEU B 159 22.56 9.00 -14.54
C LEU B 159 21.66 8.22 -13.57
N VAL B 160 20.37 8.51 -13.56
CA VAL B 160 19.42 7.67 -12.83
C VAL B 160 19.32 6.30 -13.49
N LEU B 161 19.37 6.26 -14.80
CA LEU B 161 19.26 4.99 -15.58
C LEU B 161 20.54 4.19 -15.59
N ILE B 162 21.65 4.86 -15.88
CA ILE B 162 22.91 4.25 -16.11
C ILE B 162 23.68 4.23 -14.79
N THR B 163 23.53 3.14 -14.05
CA THR B 163 24.02 3.14 -12.72
C THR B 163 24.12 1.71 -12.32
N ASP B 164 24.90 1.43 -11.27
CA ASP B 164 25.05 0.08 -10.78
C ASP B 164 23.71 -0.54 -10.37
N ARG B 165 23.47 -1.81 -10.72
CA ARG B 165 22.34 -2.57 -10.20
C ARG B 165 22.76 -4.00 -9.98
N HIS B 166 22.16 -4.66 -9.00
CA HIS B 166 22.43 -6.04 -8.78
C HIS B 166 21.91 -6.85 -9.98
N GLY B 167 22.72 -7.81 -10.46
CA GLY B 167 22.37 -8.69 -11.61
C GLY B 167 22.79 -8.23 -13.00
N LEU B 168 23.52 -7.11 -13.12
CA LEU B 168 24.12 -6.76 -14.42
C LEU B 168 25.18 -7.77 -14.84
N GLN B 169 25.18 -8.11 -16.12
CA GLN B 169 26.16 -9.03 -16.69
C GLN B 169 27.50 -8.32 -16.84
N GLU B 170 27.47 -7.07 -17.28
CA GLU B 170 28.69 -6.33 -17.51
C GLU B 170 28.63 -5.01 -16.72
N PRO B 171 28.80 -5.07 -15.37
CA PRO B 171 28.74 -3.81 -14.64
C PRO B 171 29.82 -2.85 -14.93
N ARG B 172 30.99 -3.29 -15.42
CA ARG B 172 32.11 -2.34 -15.71
C ARG B 172 31.77 -1.45 -16.88
N ARG B 173 31.03 -1.98 -17.84
CA ARG B 173 30.64 -1.17 -19.02
C ARG B 173 29.69 -0.13 -18.58
N VAL B 174 28.89 -0.43 -17.59
CA VAL B 174 27.87 0.53 -17.17
C VAL B 174 28.57 1.59 -16.38
N GLU B 175 29.48 1.17 -15.50
CA GLU B 175 30.29 2.14 -14.75
C GLU B 175 31.02 3.05 -15.65
N GLU B 176 31.52 2.55 -16.76
CA GLU B 176 32.31 3.43 -17.68
C GLU B 176 31.43 4.49 -18.34
N LEU B 177 30.22 4.10 -18.68
CA LEU B 177 29.29 5.01 -19.32
C LEU B 177 28.80 6.02 -18.31
N GLN B 178 28.58 5.59 -17.09
CA GLN B 178 28.26 6.52 -15.99
C GLN B 178 29.42 7.48 -15.79
N ASN B 179 30.67 6.98 -15.76
CA ASN B 179 31.82 7.89 -15.67
C ASN B 179 31.76 8.95 -16.80
N ARG B 180 31.47 8.51 -18.02
CA ARG B 180 31.41 9.46 -19.15
C ARG B 180 30.34 10.50 -18.93
N ILE B 181 29.17 10.11 -18.40
CA ILE B 181 28.07 11.06 -18.31
C ILE B 181 28.32 12.03 -17.16
N ALA B 182 28.84 11.54 -16.07
CA ALA B 182 29.18 12.45 -14.98
C ALA B 182 30.24 13.53 -15.42
N SER B 183 31.25 13.13 -16.19
CA SER B 183 32.27 14.09 -16.68
C SER B 183 31.64 15.16 -17.55
N CYS B 184 30.75 14.71 -18.42
CA CYS B 184 29.98 15.60 -19.28
C CYS B 184 29.12 16.60 -18.48
N LEU B 185 28.55 16.15 -17.38
CA LEU B 185 27.71 17.04 -16.59
C LEU B 185 28.61 18.09 -15.90
N LYS B 186 29.66 17.60 -15.24
CA LYS B 186 30.64 18.43 -14.57
C LYS B 186 31.20 19.52 -15.46
N GLU B 187 31.51 19.18 -16.70
CA GLU B 187 32.07 20.15 -17.62
C GLU B 187 31.01 21.15 -18.08
N HIS B 188 29.75 20.72 -18.19
CA HIS B 188 28.66 21.68 -18.45
C HIS B 188 28.39 22.67 -17.32
N VAL B 189 28.38 22.21 -16.08
CA VAL B 189 28.08 23.13 -14.99
C VAL B 189 29.21 24.17 -14.86
N ALA B 190 30.45 23.78 -15.19
CA ALA B 190 31.57 24.75 -15.24
C ALA B 190 31.42 25.76 -16.36
N ALA B 191 31.03 25.28 -17.53
CA ALA B 191 30.80 26.18 -18.65
C ALA B 191 29.73 27.21 -18.32
N VAL B 192 28.80 26.85 -17.46
CA VAL B 192 27.73 27.78 -17.14
C VAL B 192 28.19 28.69 -16.03
N ALA B 193 28.95 28.15 -15.10
CA ALA B 193 29.52 28.91 -14.00
C ALA B 193 28.46 29.81 -13.32
N GLY B 194 27.76 30.64 -14.10
CA GLY B 194 26.58 31.41 -13.63
C GLY B 194 26.87 32.71 -12.90
N ALA B 199 28.84 20.78 -8.70
CA ALA B 199 28.89 20.09 -7.41
C ALA B 199 27.91 20.66 -6.38
N SER B 200 28.20 21.86 -5.90
CA SER B 200 27.46 22.44 -4.77
C SER B 200 25.96 22.32 -4.96
N CYS B 201 25.50 22.68 -6.15
CA CYS B 201 24.09 22.51 -6.52
C CYS B 201 23.84 21.02 -6.37
N LEU B 202 24.75 20.26 -6.97
CA LEU B 202 24.65 18.83 -6.95
C LEU B 202 24.53 18.32 -5.52
N SER B 203 25.29 18.85 -4.57
CA SER B 203 25.02 18.51 -3.19
C SER B 203 23.56 18.87 -2.90
N ARG B 204 23.09 19.93 -3.53
CA ARG B 204 21.77 20.42 -3.29
C ARG B 204 20.74 19.51 -3.93
N LEU B 205 21.08 18.98 -5.08
CA LEU B 205 20.25 18.01 -5.72
C LEU B 205 20.15 16.68 -4.99
N LEU B 206 21.26 16.18 -4.51
CA LEU B 206 21.27 14.94 -3.77
C LEU B 206 20.47 15.04 -2.52
N GLY B 207 20.38 16.24 -1.95
CA GLY B 207 19.53 16.44 -0.78
C GLY B 207 18.03 16.10 -0.98
N LYS B 208 17.56 16.08 -2.23
CA LYS B 208 16.18 15.66 -2.60
C LYS B 208 16.00 14.17 -2.93
N LEU B 209 17.10 13.43 -3.07
CA LEU B 209 17.00 11.99 -3.31
C LEU B 209 16.06 11.28 -2.35
N PRO B 210 16.13 11.57 -1.04
CA PRO B 210 15.23 10.86 -0.11
C PRO B 210 13.77 11.09 -0.43
N GLU B 211 13.39 12.29 -0.84
CA GLU B 211 12.03 12.51 -1.22
C GLU B 211 11.73 11.69 -2.50
N LEU B 212 12.67 11.62 -3.44
CA LEU B 212 12.48 10.79 -4.62
C LEU B 212 12.30 9.33 -4.30
N ARG B 213 13.13 8.81 -3.41
CA ARG B 213 13.06 7.40 -3.00
C ARG B 213 11.70 7.09 -2.39
N THR B 214 11.24 7.99 -1.55
CA THR B 214 9.99 7.86 -0.93
C THR B 214 8.89 7.80 -1.98
N LEU B 215 8.99 8.61 -3.02
CA LEU B 215 7.92 8.66 -4.00
C LEU B 215 7.94 7.39 -4.82
N CYS B 216 9.11 6.81 -5.01
CA CYS B 216 9.16 5.51 -5.71
C CYS B 216 8.39 4.46 -4.92
N THR B 217 8.65 4.41 -3.61
CA THR B 217 7.90 3.56 -2.70
C THR B 217 6.38 3.80 -2.72
N GLN B 218 5.93 5.05 -2.69
CA GLN B 218 4.52 5.31 -2.77
C GLN B 218 3.91 4.74 -4.04
N GLY B 219 4.68 4.76 -5.12
CA GLY B 219 4.23 4.20 -6.39
C GLY B 219 4.07 2.71 -6.28
N LEU B 220 5.03 2.03 -5.69
CA LEU B 220 4.89 0.58 -5.55
C LEU B 220 3.67 0.28 -4.65
N GLN B 221 3.44 1.10 -3.63
CA GLN B 221 2.32 0.90 -2.73
C GLN B 221 1.01 1.06 -3.44
N ARG B 222 0.95 2.01 -4.36
CA ARG B 222 -0.28 2.30 -5.04
C ARG B 222 -0.55 1.18 -6.05
N ILE B 223 0.50 0.65 -6.66
CA ILE B 223 0.31 -0.48 -7.56
C ILE B 223 -0.15 -1.74 -6.79
N PHE B 224 0.43 -1.96 -5.63
CA PHE B 224 -0.01 -3.04 -4.81
C PHE B 224 -1.45 -2.92 -4.52
N TYR B 225 -1.87 -1.76 -4.08
CA TYR B 225 -3.26 -1.55 -3.77
C TYR B 225 -4.16 -1.77 -4.97
N LEU B 226 -3.79 -1.30 -6.14
CA LEU B 226 -4.67 -1.47 -7.27
C LEU B 226 -4.67 -2.91 -7.68
N LYS B 227 -3.57 -3.62 -7.40
CA LYS B 227 -3.54 -5.01 -7.78
C LYS B 227 -4.47 -5.85 -6.90
N LEU B 228 -4.55 -5.47 -5.62
CA LEU B 228 -5.43 -6.08 -4.69
C LEU B 228 -6.85 -5.85 -5.08
N GLU B 229 -7.15 -4.66 -5.52
CA GLU B 229 -8.50 -4.32 -5.78
C GLU B 229 -8.92 -4.97 -7.14
N ASP B 230 -8.03 -4.95 -8.11
CA ASP B 230 -8.14 -5.71 -9.32
C ASP B 230 -9.32 -5.37 -10.20
N LEU B 231 -9.60 -4.10 -10.32
CA LEU B 231 -10.67 -3.67 -11.17
C LEU B 231 -10.34 -4.02 -12.58
N VAL B 232 -9.10 -3.75 -12.97
CA VAL B 232 -8.57 -4.15 -14.26
C VAL B 232 -7.18 -4.65 -13.98
N PRO B 233 -6.75 -5.61 -14.76
CA PRO B 233 -5.40 -6.16 -14.56
C PRO B 233 -4.30 -5.23 -15.05
N PRO B 234 -3.13 -5.26 -14.38
CA PRO B 234 -2.13 -4.35 -14.88
C PRO B 234 -1.52 -4.81 -16.21
N PRO B 235 -0.84 -3.91 -16.93
CA PRO B 235 -0.16 -4.35 -18.14
C PRO B 235 1.01 -5.31 -17.83
N PRO B 236 1.25 -6.29 -18.72
CA PRO B 236 2.28 -7.25 -18.39
C PRO B 236 3.59 -6.71 -17.96
N ILE B 237 4.09 -5.74 -18.70
CA ILE B 237 5.41 -5.29 -18.43
C ILE B 237 5.46 -4.45 -17.19
N ILE B 238 4.36 -3.76 -16.84
CA ILE B 238 4.35 -2.99 -15.57
C ILE B 238 4.34 -3.91 -14.39
N ASP B 239 3.52 -4.93 -14.52
CA ASP B 239 3.45 -5.96 -13.52
C ASP B 239 4.78 -6.62 -13.29
N LYS B 240 5.55 -6.80 -14.37
CA LYS B 240 6.82 -7.47 -14.23
C LYS B 240 7.79 -6.62 -13.43
N ILE B 241 7.82 -5.35 -13.78
CA ILE B 241 8.67 -4.39 -13.06
C ILE B 241 8.33 -4.39 -11.58
N PHE B 242 7.04 -4.34 -11.30
CA PHE B 242 6.57 -4.35 -9.92
C PHE B 242 7.13 -5.59 -9.23
N MET B 243 6.90 -6.75 -9.83
CA MET B 243 7.35 -8.00 -9.20
C MET B 243 8.88 -8.09 -9.13
N ASP B 244 9.58 -7.72 -10.19
CA ASP B 244 11.06 -7.86 -10.20
C ASP B 244 11.68 -6.94 -9.20
N THR B 245 11.04 -5.82 -8.97
CA THR B 245 11.53 -4.85 -8.03
C THR B 245 11.36 -5.24 -6.56
N LEU B 246 10.54 -6.25 -6.30
CA LEU B 246 10.25 -6.60 -4.94
C LEU B 246 11.22 -7.61 -4.32
N PRO B 247 11.94 -7.22 -3.22
CA PRO B 247 12.67 -8.28 -2.50
C PRO B 247 11.80 -9.47 -2.01
N PHE B 248 11.00 -10.10 -2.88
CA PHE B 248 10.16 -11.26 -2.51
C PHE B 248 9.06 -11.57 -3.57
C1 GOL C . -13.36 -11.51 25.43
O1 GOL C . -13.63 -10.63 26.53
C2 GOL C . -12.76 -10.62 24.33
O2 GOL C . -11.60 -9.98 24.91
C3 GOL C . -12.36 -11.46 23.08
O3 GOL C . -11.62 -10.71 22.07
C1 GOL D . -15.97 -36.15 5.39
O1 GOL D . -16.03 -35.51 6.71
C2 GOL D . -17.08 -35.70 4.41
O2 GOL D . -17.71 -36.73 3.63
C3 GOL D . -18.28 -35.14 5.12
O3 GOL D . -18.15 -33.73 5.06
C1 GOL E . 10.96 14.84 -21.25
O1 GOL E . 10.53 14.44 -19.92
C2 GOL E . 10.61 16.29 -21.55
O2 GOL E . 9.18 16.43 -21.67
C3 GOL E . 11.21 16.68 -22.90
O3 GOL E . 10.91 18.07 -22.98
C4 3MZ F . 22.33 6.68 -8.28
C13 3MZ F . 19.89 12.49 -8.88
C15 3MZ F . 17.58 13.17 -8.78
C17 3MZ F . 17.04 14.77 -7.03
C2 3MZ F . 22.22 8.90 -9.10
C11 3MZ F . 21.47 11.07 -10.24
C12 3MZ F . 21.03 12.48 -9.87
C16 3MZ F . 16.81 14.42 -8.46
C18 3MZ F . 16.26 13.85 -6.14
C1 3MZ F . 21.69 10.26 -8.99
C3 3MZ F . 21.84 7.96 -8.16
C5 3MZ F . 23.17 6.35 -9.32
C6 3MZ F . 23.55 7.29 -10.28
C7 3MZ F . 23.06 8.55 -10.13
O8 3MZ F . 23.41 9.49 -11.03
O9 3MZ F . 24.39 7.01 -11.35
O10 3MZ F . 23.64 5.09 -9.38
C14 3MZ F . 18.92 13.56 -9.28
O19 3MZ F . 21.40 10.70 -7.89
#